data_1M2J
#
_entry.id   1M2J
#
_cell.length_a   35.682
_cell.length_b   85.552
_cell.length_c   44.798
_cell.angle_alpha   90.00
_cell.angle_beta   111.99
_cell.angle_gamma   90.00
#
_symmetry.space_group_name_H-M   'P 1 21 1'
#
loop_
_entity.id
_entity.type
_entity.pdbx_description
1 polymer 'Silent Information Regulator 2'
2 non-polymer 'ZINC ION'
3 non-polymer ADENOSINE-5-DIPHOSPHORIBOSE
4 water water
#
_entity_poly.entity_id   1
_entity_poly.type   'polypeptide(L)'
_entity_poly.pdbx_seq_one_letter_code
;MDEKLLKTIAESKYLVALTGAGVSAESGIPTFRGKDGLWNRYRPEELANPQAFAKDPEKVWKWYAWRMEKVFNAQPNKAN
QAFAELERLGVLKCLITQNVDDLHERAGSRNVIHLHGSLRVVRCTSCNNSFEVESAPKIPPLPKCDKCGSLLRPGVVWFG
EMLPPDVLDRAMREVERADVIIVAGTSAVVQPAASLPLIVKQRGGAIIEINPDETPLTPIADYSLRGKAGEVMDELVRHV
RKALSLKLN
;
_entity_poly.pdbx_strand_id   A
#
loop_
_chem_comp.id
_chem_comp.type
_chem_comp.name
_chem_comp.formula
APR non-polymer ADENOSINE-5-DIPHOSPHORIBOSE 'C15 H23 N5 O14 P2'
ZN non-polymer 'ZINC ION' 'Zn 2'
#
# COMPACT_ATOMS: atom_id res chain seq x y z
N MET A 1 -21.65 -1.51 -7.86
CA MET A 1 -22.01 -0.12 -8.24
C MET A 1 -23.51 0.15 -8.08
N ASP A 2 -24.10 -0.38 -7.01
CA ASP A 2 -25.52 -0.18 -6.76
C ASP A 2 -25.73 0.95 -5.76
N GLU A 3 -26.99 1.32 -5.54
CA GLU A 3 -27.32 2.41 -4.63
C GLU A 3 -26.82 2.18 -3.20
N LYS A 4 -26.96 0.95 -2.71
CA LYS A 4 -26.52 0.64 -1.35
C LYS A 4 -25.03 0.86 -1.17
N LEU A 5 -24.25 0.47 -2.16
CA LEU A 5 -22.80 0.64 -2.11
C LEU A 5 -22.46 2.13 -1.99
N LEU A 6 -22.98 2.92 -2.91
CA LEU A 6 -22.73 4.35 -2.90
C LEU A 6 -23.15 4.94 -1.57
N LYS A 7 -24.30 4.51 -1.07
CA LYS A 7 -24.83 4.99 0.20
C LYS A 7 -23.86 4.65 1.33
N THR A 8 -23.41 3.41 1.37
CA THR A 8 -22.48 2.95 2.40
C THR A 8 -21.25 3.85 2.46
N ILE A 9 -20.73 4.22 1.31
CA ILE A 9 -19.55 5.07 1.24
C ILE A 9 -19.84 6.53 1.57
N ALA A 10 -20.80 7.11 0.87
CA ALA A 10 -21.16 8.51 1.07
C ALA A 10 -21.60 8.84 2.50
N GLU A 11 -22.32 7.91 3.13
CA GLU A 11 -22.81 8.13 4.49
C GLU A 11 -21.89 7.63 5.60
N SER A 12 -20.74 7.06 5.22
CA SER A 12 -19.81 6.54 6.22
C SER A 12 -19.33 7.62 7.19
N LYS A 13 -19.09 7.22 8.43
CA LYS A 13 -18.63 8.14 9.47
C LYS A 13 -17.11 8.14 9.60
N TYR A 14 -16.49 6.99 9.30
CA TYR A 14 -15.05 6.88 9.38
C TYR A 14 -14.56 5.81 8.43
N LEU A 15 -14.46 6.17 7.16
CA LEU A 15 -14.00 5.24 6.13
C LEU A 15 -12.48 5.25 6.00
N VAL A 16 -11.89 4.06 5.92
CA VAL A 16 -10.46 3.93 5.76
C VAL A 16 -10.23 2.99 4.59
N ALA A 17 -8.98 2.83 4.17
CA ALA A 17 -8.66 1.95 3.06
C ALA A 17 -7.37 1.19 3.32
N LEU A 18 -7.27 0.00 2.73
CA LEU A 18 -6.07 -0.81 2.81
C LEU A 18 -5.76 -1.11 1.36
N THR A 19 -4.59 -0.69 0.90
CA THR A 19 -4.21 -0.94 -0.48
C THR A 19 -3.00 -1.84 -0.60
N GLY A 20 -2.92 -2.51 -1.75
CA GLY A 20 -1.81 -3.40 -2.04
C GLY A 20 -1.22 -3.11 -3.41
N ALA A 21 -0.30 -3.97 -3.85
CA ALA A 21 0.39 -3.79 -5.12
C ALA A 21 -0.50 -3.61 -6.35
N GLY A 22 -1.71 -4.14 -6.29
CA GLY A 22 -2.63 -4.01 -7.41
C GLY A 22 -3.01 -2.57 -7.72
N VAL A 23 -2.96 -1.70 -6.71
CA VAL A 23 -3.33 -0.31 -6.92
C VAL A 23 -2.24 0.47 -7.65
N SER A 24 -1.04 -0.10 -7.74
CA SER A 24 0.05 0.56 -8.43
C SER A 24 0.28 -0.08 -9.80
N ALA A 25 -0.38 -1.21 -10.04
CA ALA A 25 -0.22 -1.94 -11.29
C ALA A 25 -0.52 -1.12 -12.54
N GLU A 26 -1.51 -0.23 -12.46
CA GLU A 26 -1.87 0.60 -13.60
C GLU A 26 -0.87 1.73 -13.87
N SER A 27 0.21 1.76 -13.10
CA SER A 27 1.26 2.76 -13.28
C SER A 27 2.45 2.06 -13.95
N GLY A 28 2.24 0.82 -14.35
CA GLY A 28 3.30 0.06 -15.00
C GLY A 28 4.19 -0.69 -14.04
N ILE A 29 3.79 -0.77 -12.77
CA ILE A 29 4.56 -1.47 -11.77
C ILE A 29 3.93 -2.86 -11.58
N PRO A 30 4.69 -3.92 -11.85
CA PRO A 30 4.13 -5.27 -11.70
C PRO A 30 3.82 -5.58 -10.25
N THR A 31 2.89 -6.51 -10.03
CA THR A 31 2.53 -6.91 -8.67
C THR A 31 3.52 -7.98 -8.21
N PHE A 32 3.33 -8.47 -6.99
CA PHE A 32 4.22 -9.49 -6.46
C PHE A 32 3.76 -10.88 -6.84
N ARG A 33 2.45 -11.10 -6.80
CA ARG A 33 1.89 -12.39 -7.11
C ARG A 33 0.98 -12.35 -8.32
N GLY A 34 0.64 -13.52 -8.84
CA GLY A 34 -0.23 -13.58 -10.01
C GLY A 34 0.58 -13.88 -11.26
N LYS A 35 -0.02 -13.61 -12.40
CA LYS A 35 0.60 -13.84 -13.71
C LYS A 35 2.06 -13.37 -13.78
N ASP A 36 2.25 -12.07 -14.03
CA ASP A 36 3.59 -11.51 -14.14
C ASP A 36 4.09 -10.93 -12.82
N GLY A 37 3.80 -11.61 -11.72
CA GLY A 37 4.22 -11.14 -10.41
C GLY A 37 5.72 -11.25 -10.17
N LEU A 38 6.29 -10.26 -9.48
CA LEU A 38 7.72 -10.25 -9.20
C LEU A 38 8.22 -11.50 -8.46
N TRP A 39 7.42 -12.02 -7.55
CA TRP A 39 7.80 -13.20 -6.79
C TRP A 39 7.69 -14.47 -7.62
N ASN A 40 7.12 -14.34 -8.81
CA ASN A 40 6.97 -15.47 -9.71
C ASN A 40 8.15 -15.53 -10.68
N ARG A 41 8.93 -14.45 -10.70
CA ARG A 41 10.10 -14.36 -11.54
C ARG A 41 11.34 -14.33 -10.66
N TYR A 42 11.26 -13.53 -9.59
CA TYR A 42 12.36 -13.41 -8.65
C TYR A 42 11.98 -14.12 -7.36
N ARG A 43 12.98 -14.72 -6.71
CA ARG A 43 12.75 -15.46 -5.47
C ARG A 43 12.81 -14.56 -4.24
N PRO A 44 11.69 -14.44 -3.51
CA PRO A 44 11.63 -13.61 -2.30
C PRO A 44 12.65 -14.09 -1.27
N GLU A 45 13.00 -15.36 -1.34
CA GLU A 45 13.95 -15.95 -0.40
C GLU A 45 15.38 -15.43 -0.60
N GLU A 46 15.61 -14.75 -1.71
CA GLU A 46 16.93 -14.21 -2.01
C GLU A 46 16.90 -12.69 -2.09
N LEU A 47 15.71 -12.12 -2.24
CA LEU A 47 15.57 -10.68 -2.37
C LEU A 47 14.69 -10.02 -1.32
N ALA A 48 14.03 -10.81 -0.48
CA ALA A 48 13.16 -10.23 0.53
C ALA A 48 13.31 -10.79 1.94
N ASN A 49 14.55 -10.88 2.42
CA ASN A 49 14.80 -11.37 3.77
C ASN A 49 16.20 -11.02 4.24
N PRO A 50 16.35 -10.70 5.54
CA PRO A 50 17.65 -10.34 6.11
C PRO A 50 18.77 -11.33 5.84
N GLN A 51 18.43 -12.62 5.78
CA GLN A 51 19.43 -13.66 5.51
C GLN A 51 20.06 -13.47 4.14
N ALA A 52 19.20 -13.29 3.13
CA ALA A 52 19.66 -13.10 1.76
C ALA A 52 20.50 -11.83 1.62
N PHE A 53 20.08 -10.77 2.32
CA PHE A 53 20.79 -9.50 2.25
C PHE A 53 22.18 -9.64 2.86
N ALA A 54 22.28 -10.38 3.95
CA ALA A 54 23.56 -10.58 4.62
C ALA A 54 24.48 -11.42 3.76
N LYS A 55 23.91 -12.37 3.03
CA LYS A 55 24.68 -13.26 2.16
C LYS A 55 25.24 -12.56 0.93
N ASP A 56 24.42 -11.72 0.29
CA ASP A 56 24.88 -10.99 -0.89
C ASP A 56 24.20 -9.64 -0.96
N PRO A 57 24.69 -8.68 -0.16
CA PRO A 57 24.09 -7.34 -0.17
C PRO A 57 24.17 -6.61 -1.50
N GLU A 58 25.17 -6.95 -2.32
CA GLU A 58 25.30 -6.29 -3.62
C GLU A 58 24.17 -6.71 -4.55
N LYS A 59 23.82 -7.99 -4.54
CA LYS A 59 22.75 -8.47 -5.40
C LYS A 59 21.40 -7.91 -4.96
N VAL A 60 21.16 -7.92 -3.66
CA VAL A 60 19.91 -7.40 -3.13
C VAL A 60 19.80 -5.91 -3.41
N TRP A 61 20.89 -5.17 -3.21
CA TRP A 61 20.89 -3.74 -3.47
C TRP A 61 20.69 -3.42 -4.94
N LYS A 62 21.29 -4.23 -5.83
CA LYS A 62 21.14 -3.98 -7.26
C LYS A 62 19.67 -4.14 -7.66
N TRP A 63 19.01 -5.13 -7.07
CA TRP A 63 17.61 -5.37 -7.38
C TRP A 63 16.74 -4.22 -6.86
N TYR A 64 16.97 -3.80 -5.62
CA TYR A 64 16.18 -2.71 -5.08
C TYR A 64 16.42 -1.38 -5.77
N ALA A 65 17.67 -1.12 -6.19
CA ALA A 65 17.98 0.13 -6.89
C ALA A 65 17.18 0.16 -8.20
N TRP A 66 17.04 -1.00 -8.82
CA TRP A 66 16.29 -1.13 -10.06
C TRP A 66 14.80 -0.87 -9.79
N ARG A 67 14.29 -1.47 -8.71
CA ARG A 67 12.89 -1.26 -8.37
C ARG A 67 12.65 0.21 -8.01
N MET A 68 13.61 0.80 -7.31
CA MET A 68 13.50 2.21 -6.93
C MET A 68 13.40 3.09 -8.16
N GLU A 69 14.26 2.85 -9.14
CA GLU A 69 14.23 3.65 -10.36
C GLU A 69 12.86 3.51 -11.04
N LYS A 70 12.35 2.29 -11.12
CA LYS A 70 11.06 2.05 -11.75
C LYS A 70 9.95 2.85 -11.07
N VAL A 71 9.94 2.83 -9.73
CA VAL A 71 8.93 3.55 -8.97
C VAL A 71 9.04 5.06 -9.05
N PHE A 72 10.25 5.58 -8.87
CA PHE A 72 10.46 7.03 -8.90
C PHE A 72 10.11 7.62 -10.27
N ASN A 73 10.27 6.83 -11.32
CA ASN A 73 10.00 7.27 -12.68
C ASN A 73 8.56 7.03 -13.12
N ALA A 74 7.81 6.28 -12.32
CA ALA A 74 6.42 5.98 -12.64
C ALA A 74 5.55 7.15 -12.18
N GLN A 75 4.34 7.24 -12.72
CA GLN A 75 3.43 8.32 -12.33
C GLN A 75 2.20 7.72 -11.66
N PRO A 76 1.57 8.46 -10.73
CA PRO A 76 0.38 7.95 -10.07
C PRO A 76 -0.70 7.71 -11.12
N ASN A 77 -1.54 6.70 -10.89
CA ASN A 77 -2.60 6.37 -11.83
C ASN A 77 -3.97 6.86 -11.35
N LYS A 78 -5.01 6.52 -12.12
CA LYS A 78 -6.38 6.93 -11.79
C LYS A 78 -6.83 6.46 -10.42
N ALA A 79 -6.39 5.27 -10.01
CA ALA A 79 -6.77 4.74 -8.70
C ALA A 79 -6.17 5.64 -7.63
N ASN A 80 -4.91 5.99 -7.82
CA ASN A 80 -4.20 6.86 -6.88
C ASN A 80 -4.91 8.21 -6.78
N GLN A 81 -5.27 8.77 -7.92
CA GLN A 81 -5.95 10.07 -7.94
C GLN A 81 -7.28 10.00 -7.21
N ALA A 82 -8.03 8.91 -7.44
CA ALA A 82 -9.33 8.71 -6.81
C ALA A 82 -9.22 8.64 -5.29
N PHE A 83 -8.21 7.94 -4.78
CA PHE A 83 -8.06 7.83 -3.34
C PHE A 83 -7.75 9.21 -2.74
N ALA A 84 -6.89 9.99 -3.39
CA ALA A 84 -6.54 11.32 -2.90
C ALA A 84 -7.78 12.20 -2.89
N GLU A 85 -8.60 12.08 -3.92
CA GLU A 85 -9.81 12.89 -4.02
C GLU A 85 -10.82 12.49 -2.95
N LEU A 86 -10.94 11.19 -2.67
CA LEU A 86 -11.87 10.72 -1.67
C LEU A 86 -11.47 11.25 -0.30
N GLU A 87 -10.17 11.52 -0.13
CA GLU A 87 -9.66 12.07 1.11
C GLU A 87 -9.95 13.57 1.11
N ARG A 88 -9.76 14.22 -0.03
CA ARG A 88 -10.00 15.65 -0.14
C ARG A 88 -11.46 15.97 0.21
N LEU A 89 -12.36 15.11 -0.24
CA LEU A 89 -13.79 15.28 0.01
C LEU A 89 -14.16 15.07 1.47
N GLY A 90 -13.20 14.60 2.27
CA GLY A 90 -13.46 14.37 3.68
C GLY A 90 -14.06 13.02 4.00
N VAL A 91 -14.16 12.15 2.99
CA VAL A 91 -14.72 10.82 3.21
C VAL A 91 -13.67 9.84 3.72
N LEU A 92 -12.56 9.71 2.99
CA LEU A 92 -11.49 8.80 3.39
C LEU A 92 -10.67 9.46 4.50
N LYS A 93 -10.62 8.83 5.66
CA LYS A 93 -9.91 9.37 6.82
C LYS A 93 -8.45 8.95 6.92
N CYS A 94 -8.14 7.77 6.42
CA CYS A 94 -6.78 7.26 6.47
C CYS A 94 -6.57 6.21 5.41
N LEU A 95 -5.39 6.21 4.80
CA LEU A 95 -5.06 5.25 3.76
C LEU A 95 -3.89 4.40 4.27
N ILE A 96 -4.18 3.14 4.55
CA ILE A 96 -3.17 2.21 5.04
C ILE A 96 -2.69 1.41 3.82
N THR A 97 -1.39 1.43 3.55
CA THR A 97 -0.88 0.71 2.40
C THR A 97 0.26 -0.24 2.73
N GLN A 98 0.34 -1.31 1.94
CA GLN A 98 1.38 -2.32 2.07
C GLN A 98 2.44 -2.00 1.02
N ASN A 99 2.14 -1.03 0.16
CA ASN A 99 3.06 -0.65 -0.92
C ASN A 99 4.27 0.12 -0.44
N VAL A 100 5.41 -0.13 -1.08
CA VAL A 100 6.65 0.56 -0.74
C VAL A 100 6.89 1.70 -1.72
N ASP A 101 6.00 1.85 -2.70
CA ASP A 101 6.13 2.95 -3.65
C ASP A 101 5.50 4.18 -3.01
N ASP A 102 5.67 5.33 -3.63
CA ASP A 102 5.10 6.57 -3.10
C ASP A 102 4.04 7.16 -4.01
N LEU A 103 3.37 6.30 -4.79
CA LEU A 103 2.36 6.78 -5.72
C LEU A 103 1.14 7.39 -5.05
N HIS A 104 0.79 6.95 -3.84
CA HIS A 104 -0.34 7.54 -3.15
C HIS A 104 0.02 8.97 -2.80
N GLU A 105 1.22 9.14 -2.25
CA GLU A 105 1.69 10.47 -1.88
C GLU A 105 1.78 11.42 -3.06
N ARG A 106 2.32 10.95 -4.18
CA ARG A 106 2.44 11.82 -5.33
C ARG A 106 1.12 12.17 -5.99
N ALA A 107 0.07 11.45 -5.63
CA ALA A 107 -1.26 11.74 -6.16
C ALA A 107 -1.97 12.75 -5.26
N GLY A 108 -1.39 13.02 -4.11
CA GLY A 108 -1.98 13.97 -3.18
C GLY A 108 -2.50 13.43 -1.87
N SER A 109 -2.39 12.12 -1.66
CA SER A 109 -2.86 11.53 -0.41
C SER A 109 -2.01 12.07 0.73
N ARG A 110 -2.67 12.39 1.85
CA ARG A 110 -1.98 12.96 3.00
C ARG A 110 -1.79 11.99 4.17
N ASN A 111 -2.89 11.48 4.70
CA ASN A 111 -2.81 10.56 5.84
C ASN A 111 -2.60 9.14 5.35
N VAL A 112 -1.34 8.81 5.08
CA VAL A 112 -0.97 7.48 4.58
C VAL A 112 -0.08 6.76 5.59
N ILE A 113 -0.36 5.48 5.83
CA ILE A 113 0.43 4.68 6.74
C ILE A 113 1.11 3.58 5.92
N HIS A 114 2.45 3.55 5.94
CA HIS A 114 3.20 2.54 5.19
C HIS A 114 3.55 1.35 6.08
N LEU A 115 2.69 0.34 6.07
CA LEU A 115 2.91 -0.85 6.89
C LEU A 115 4.22 -1.57 6.63
N HIS A 116 4.66 -1.59 5.37
CA HIS A 116 5.88 -2.30 5.01
C HIS A 116 7.07 -1.44 4.61
N GLY A 117 7.07 -0.19 5.07
CA GLY A 117 8.17 0.68 4.75
C GLY A 117 8.02 1.42 3.44
N SER A 118 9.12 1.98 2.95
CA SER A 118 9.08 2.75 1.71
C SER A 118 10.41 2.71 0.95
N LEU A 119 10.31 2.62 -0.37
CA LEU A 119 11.50 2.60 -1.22
C LEU A 119 12.20 3.96 -1.20
N ARG A 120 11.53 4.98 -0.68
CA ARG A 120 12.10 6.31 -0.60
C ARG A 120 13.07 6.40 0.57
N VAL A 121 12.94 5.47 1.51
CA VAL A 121 13.77 5.47 2.71
C VAL A 121 14.96 4.53 2.67
N VAL A 122 16.09 5.02 3.15
CA VAL A 122 17.31 4.24 3.24
C VAL A 122 17.76 4.36 4.69
N ARG A 123 18.13 3.24 5.31
CA ARG A 123 18.55 3.30 6.71
C ARG A 123 19.76 2.42 6.99
N CYS A 124 20.45 2.73 8.07
CA CYS A 124 21.63 2.00 8.46
C CYS A 124 21.29 0.68 9.13
N THR A 125 22.13 -0.32 8.90
CA THR A 125 21.92 -1.63 9.49
C THR A 125 22.47 -1.69 10.92
N SER A 126 23.23 -0.66 11.29
CA SER A 126 23.83 -0.60 12.63
C SER A 126 23.25 0.49 13.53
N CYS A 127 23.46 1.75 13.15
CA CYS A 127 22.95 2.85 13.96
C CYS A 127 21.54 3.25 13.50
N ASN A 128 21.03 4.35 14.05
CA ASN A 128 19.68 4.79 13.71
C ASN A 128 19.59 5.78 12.55
N ASN A 129 20.67 5.93 11.80
CA ASN A 129 20.66 6.86 10.68
C ASN A 129 19.67 6.39 9.61
N SER A 130 18.85 7.32 9.14
CA SER A 130 17.87 7.02 8.09
C SER A 130 17.61 8.32 7.36
N PHE A 131 17.24 8.21 6.08
CA PHE A 131 16.98 9.39 5.28
C PHE A 131 16.28 8.98 4.01
N GLU A 132 15.77 9.96 3.26
CA GLU A 132 15.06 9.68 2.02
C GLU A 132 15.91 10.05 0.81
N VAL A 133 15.66 9.36 -0.30
CA VAL A 133 16.40 9.63 -1.53
C VAL A 133 15.47 10.18 -2.61
N GLU A 134 16.03 11.01 -3.49
CA GLU A 134 15.28 11.59 -4.60
C GLU A 134 15.35 10.69 -5.82
N SER A 135 16.45 9.94 -5.93
CA SER A 135 16.65 9.02 -7.04
C SER A 135 17.43 7.79 -6.59
N ALA A 136 17.44 6.74 -7.40
CA ALA A 136 18.11 5.50 -7.05
C ALA A 136 19.63 5.56 -7.08
N PRO A 137 20.30 4.90 -6.12
CA PRO A 137 21.77 4.89 -6.08
C PRO A 137 22.27 3.91 -7.13
N LYS A 138 23.57 3.99 -7.43
CA LYS A 138 24.18 3.08 -8.39
C LYS A 138 24.87 2.00 -7.58
N ILE A 139 24.74 0.76 -8.02
CA ILE A 139 25.33 -0.37 -7.32
C ILE A 139 26.12 -1.21 -8.33
N PRO A 140 27.41 -1.49 -8.05
CA PRO A 140 28.21 -1.07 -6.89
C PRO A 140 28.53 0.42 -6.94
N PRO A 141 29.11 0.98 -5.86
CA PRO A 141 29.49 0.30 -4.62
C PRO A 141 28.31 0.20 -3.64
N LEU A 142 28.50 -0.59 -2.58
CA LEU A 142 27.46 -0.76 -1.58
C LEU A 142 27.27 0.55 -0.82
N PRO A 143 26.01 0.99 -0.65
CA PRO A 143 25.73 2.23 0.07
C PRO A 143 26.19 2.11 1.51
N LYS A 144 27.03 3.03 1.96
CA LYS A 144 27.54 2.99 3.32
C LYS A 144 27.09 4.18 4.13
N CYS A 145 26.82 3.93 5.41
CA CYS A 145 26.38 4.94 6.34
C CYS A 145 27.45 6.00 6.57
N ASP A 146 27.06 7.26 6.47
CA ASP A 146 27.98 8.38 6.66
C ASP A 146 28.22 8.66 8.14
N LYS A 147 27.50 7.96 9.00
CA LYS A 147 27.64 8.16 10.44
C LYS A 147 28.58 7.17 11.10
N CYS A 148 28.48 5.89 10.75
CA CYS A 148 29.33 4.87 11.35
C CYS A 148 30.06 4.00 10.33
N GLY A 149 29.72 4.16 9.05
CA GLY A 149 30.37 3.39 8.02
C GLY A 149 29.82 2.00 7.74
N SER A 150 28.80 1.58 8.46
CA SER A 150 28.24 0.24 8.23
C SER A 150 27.35 0.27 7.00
N LEU A 151 26.95 -0.91 6.51
CA LEU A 151 26.11 -1.01 5.34
C LEU A 151 24.73 -0.41 5.53
N LEU A 152 24.25 0.26 4.48
CA LEU A 152 22.91 0.84 4.50
C LEU A 152 22.01 -0.20 3.85
N ARG A 153 20.71 -0.06 4.03
CA ARG A 153 19.76 -1.00 3.44
C ARG A 153 18.47 -0.26 3.08
N PRO A 154 17.65 -0.87 2.21
CA PRO A 154 16.39 -0.23 1.82
C PRO A 154 15.50 -0.20 3.06
N GLY A 155 14.78 0.91 3.24
CA GLY A 155 13.92 1.06 4.39
C GLY A 155 12.56 0.38 4.20
N VAL A 156 12.59 -0.90 3.84
CA VAL A 156 11.37 -1.67 3.65
C VAL A 156 11.39 -2.87 4.60
N VAL A 157 10.22 -3.44 4.86
CA VAL A 157 10.11 -4.59 5.75
C VAL A 157 10.21 -5.89 4.95
N TRP A 158 11.15 -6.76 5.34
CA TRP A 158 11.34 -8.04 4.68
C TRP A 158 10.64 -9.17 5.41
N PHE A 159 10.51 -10.32 4.76
CA PHE A 159 9.88 -11.47 5.39
C PHE A 159 10.60 -11.86 6.67
N GLY A 160 9.83 -12.15 7.71
CA GLY A 160 10.42 -12.54 8.98
C GLY A 160 10.72 -11.36 9.87
N GLU A 161 10.77 -10.16 9.30
CA GLU A 161 11.05 -8.96 10.08
C GLU A 161 9.76 -8.42 10.67
N MET A 162 9.88 -7.73 11.80
CA MET A 162 8.72 -7.16 12.46
C MET A 162 8.35 -5.80 11.91
N LEU A 163 7.07 -5.57 11.63
CA LEU A 163 6.65 -4.27 11.16
C LEU A 163 6.90 -3.36 12.36
N PRO A 164 7.21 -2.08 12.11
CA PRO A 164 7.44 -1.17 13.24
C PRO A 164 6.20 -1.16 14.11
N PRO A 165 6.36 -1.37 15.44
CA PRO A 165 5.24 -1.38 16.38
C PRO A 165 4.33 -0.16 16.32
N ASP A 166 4.92 1.03 16.32
CA ASP A 166 4.12 2.25 16.28
C ASP A 166 3.31 2.35 14.99
N VAL A 167 3.87 1.85 13.90
CA VAL A 167 3.19 1.89 12.61
C VAL A 167 1.97 0.97 12.61
N LEU A 168 2.17 -0.29 13.00
CA LEU A 168 1.06 -1.23 13.02
C LEU A 168 0.01 -0.79 14.04
N ASP A 169 0.46 -0.28 15.18
CA ASP A 169 -0.48 0.18 16.22
C ASP A 169 -1.36 1.29 15.68
N ARG A 170 -0.78 2.22 14.93
CA ARG A 170 -1.56 3.32 14.36
C ARG A 170 -2.61 2.74 13.42
N ALA A 171 -2.18 1.82 12.55
CA ALA A 171 -3.11 1.20 11.60
C ALA A 171 -4.21 0.48 12.35
N MET A 172 -3.85 -0.17 13.47
CA MET A 172 -4.82 -0.90 14.27
C MET A 172 -5.89 0.05 14.81
N ARG A 173 -5.49 1.21 15.29
CA ARG A 173 -6.43 2.18 15.82
C ARG A 173 -7.37 2.64 14.73
N GLU A 174 -6.84 2.83 13.53
CA GLU A 174 -7.66 3.28 12.41
C GLU A 174 -8.75 2.27 12.08
N VAL A 175 -8.39 1.00 11.93
CA VAL A 175 -9.41 -0.01 11.62
C VAL A 175 -10.34 -0.28 12.80
N GLU A 176 -9.91 0.04 14.00
CA GLU A 176 -10.78 -0.19 15.16
C GLU A 176 -11.90 0.84 15.21
N ARG A 177 -11.72 1.96 14.54
CA ARG A 177 -12.76 2.99 14.54
C ARG A 177 -13.48 3.16 13.21
N ALA A 178 -13.02 2.44 12.19
CA ALA A 178 -13.63 2.54 10.87
C ALA A 178 -14.95 1.77 10.77
N ASP A 179 -15.94 2.36 10.13
CA ASP A 179 -17.22 1.69 9.94
C ASP A 179 -17.27 1.10 8.54
N VAL A 180 -16.31 1.50 7.70
CA VAL A 180 -16.22 1.01 6.33
C VAL A 180 -14.75 0.97 5.91
N ILE A 181 -14.34 -0.09 5.24
CA ILE A 181 -12.96 -0.17 4.75
C ILE A 181 -12.93 -0.66 3.32
N ILE A 182 -12.21 0.08 2.48
CA ILE A 182 -12.05 -0.30 1.08
C ILE A 182 -10.73 -1.06 1.03
N VAL A 183 -10.78 -2.30 0.55
CA VAL A 183 -9.58 -3.14 0.46
C VAL A 183 -9.31 -3.34 -1.02
N ALA A 184 -8.34 -2.61 -1.54
CA ALA A 184 -8.06 -2.65 -2.96
C ALA A 184 -6.67 -3.13 -3.36
N GLY A 185 -6.63 -3.92 -4.42
CA GLY A 185 -5.36 -4.40 -4.95
C GLY A 185 -4.47 -5.23 -4.05
N THR A 186 -5.06 -6.06 -3.19
CA THR A 186 -4.23 -6.90 -2.33
C THR A 186 -4.77 -8.31 -2.34
N SER A 187 -3.84 -9.28 -2.35
CA SER A 187 -4.18 -10.70 -2.39
C SER A 187 -4.65 -11.28 -1.06
N ALA A 188 -4.59 -10.46 -0.01
CA ALA A 188 -5.04 -10.87 1.32
C ALA A 188 -4.43 -12.16 1.88
N VAL A 189 -3.13 -12.33 1.73
CA VAL A 189 -2.47 -13.52 2.25
C VAL A 189 -1.34 -13.18 3.21
N VAL A 190 -0.67 -12.06 2.97
CA VAL A 190 0.43 -11.64 3.82
C VAL A 190 -0.07 -11.03 5.13
N GLN A 191 0.45 -11.54 6.24
CA GLN A 191 0.11 -11.09 7.58
C GLN A 191 1.20 -10.17 8.11
N PRO A 192 0.86 -9.29 9.07
CA PRO A 192 -0.47 -9.13 9.68
C PRO A 192 -1.43 -8.23 8.90
N ALA A 193 -0.96 -7.62 7.83
CA ALA A 193 -1.80 -6.72 7.03
C ALA A 193 -3.16 -7.32 6.65
N ALA A 194 -3.15 -8.57 6.20
CA ALA A 194 -4.37 -9.25 5.78
C ALA A 194 -5.42 -9.36 6.89
N SER A 195 -4.99 -9.24 8.14
CA SER A 195 -5.89 -9.32 9.28
C SER A 195 -6.62 -8.01 9.60
N LEU A 196 -6.11 -6.89 9.12
CA LEU A 196 -6.75 -5.60 9.40
C LEU A 196 -8.22 -5.47 8.99
N PRO A 197 -8.60 -5.94 7.80
CA PRO A 197 -10.02 -5.80 7.42
C PRO A 197 -10.94 -6.62 8.33
N LEU A 198 -10.42 -7.72 8.88
CA LEU A 198 -11.22 -8.58 9.75
C LEU A 198 -11.63 -7.81 10.99
N ILE A 199 -10.74 -6.93 11.46
CA ILE A 199 -11.04 -6.13 12.64
C ILE A 199 -12.30 -5.30 12.38
N VAL A 200 -12.33 -4.62 11.25
CA VAL A 200 -13.48 -3.80 10.88
C VAL A 200 -14.76 -4.61 10.90
N LYS A 201 -14.73 -5.78 10.26
CA LYS A 201 -15.92 -6.62 10.21
C LYS A 201 -16.33 -7.14 11.60
N GLN A 202 -15.36 -7.58 12.38
CA GLN A 202 -15.66 -8.10 13.72
C GLN A 202 -16.33 -7.07 14.60
N ARG A 203 -15.95 -5.80 14.43
CA ARG A 203 -16.51 -4.72 15.22
C ARG A 203 -17.84 -4.19 14.69
N GLY A 204 -18.28 -4.75 13.56
CA GLY A 204 -19.56 -4.35 12.99
C GLY A 204 -19.53 -3.53 11.71
N GLY A 205 -18.33 -3.28 11.18
CA GLY A 205 -18.21 -2.48 9.97
C GLY A 205 -18.36 -3.25 8.66
N ALA A 206 -18.25 -2.53 7.55
CA ALA A 206 -18.39 -3.14 6.24
C ALA A 206 -17.07 -3.15 5.47
N ILE A 207 -16.92 -4.16 4.62
CA ILE A 207 -15.73 -4.32 3.80
C ILE A 207 -16.11 -4.17 2.33
N ILE A 208 -15.40 -3.31 1.61
CA ILE A 208 -15.64 -3.12 0.18
C ILE A 208 -14.34 -3.55 -0.49
N GLU A 209 -14.36 -4.73 -1.11
CA GLU A 209 -13.16 -5.24 -1.77
C GLU A 209 -13.15 -4.88 -3.26
N ILE A 210 -11.98 -4.44 -3.74
CA ILE A 210 -11.82 -4.10 -5.14
C ILE A 210 -10.62 -4.89 -5.65
N ASN A 211 -10.88 -5.87 -6.50
CA ASN A 211 -9.81 -6.71 -7.01
C ASN A 211 -10.33 -7.53 -8.19
N PRO A 212 -9.56 -7.63 -9.28
CA PRO A 212 -10.01 -8.41 -10.43
C PRO A 212 -10.12 -9.89 -10.10
N ASP A 213 -9.44 -10.32 -9.04
CA ASP A 213 -9.48 -11.71 -8.59
C ASP A 213 -10.19 -11.80 -7.25
N GLU A 214 -10.65 -13.02 -6.92
CA GLU A 214 -11.28 -13.27 -5.64
C GLU A 214 -10.11 -13.62 -4.73
N THR A 215 -10.24 -13.32 -3.43
CA THR A 215 -9.19 -13.60 -2.46
C THR A 215 -9.76 -14.25 -1.20
N PRO A 216 -8.90 -14.57 -0.23
CA PRO A 216 -9.40 -15.19 1.00
C PRO A 216 -10.35 -14.27 1.76
N LEU A 217 -10.35 -12.98 1.40
CA LEU A 217 -11.21 -12.01 2.07
C LEU A 217 -12.60 -11.93 1.43
N THR A 218 -12.69 -12.31 0.16
CA THR A 218 -13.94 -12.23 -0.57
C THR A 218 -15.19 -12.78 0.15
N PRO A 219 -15.07 -13.96 0.78
CA PRO A 219 -16.23 -14.53 1.47
C PRO A 219 -16.88 -13.63 2.52
N ILE A 220 -16.11 -12.73 3.14
CA ILE A 220 -16.71 -11.84 4.14
C ILE A 220 -16.82 -10.39 3.67
N ALA A 221 -16.55 -10.14 2.41
CA ALA A 221 -16.65 -8.79 1.89
C ALA A 221 -18.11 -8.45 1.57
N ASP A 222 -18.62 -7.41 2.21
CA ASP A 222 -20.00 -6.97 2.01
C ASP A 222 -20.18 -6.72 0.52
N TYR A 223 -19.17 -6.12 -0.09
CA TYR A 223 -19.17 -5.84 -1.53
C TYR A 223 -17.81 -6.27 -2.06
N SER A 224 -17.80 -6.96 -3.20
CA SER A 224 -16.55 -7.38 -3.82
C SER A 224 -16.65 -7.09 -5.30
N LEU A 225 -15.99 -6.02 -5.73
CA LEU A 225 -16.02 -5.59 -7.12
C LEU A 225 -14.89 -6.18 -7.95
N ARG A 226 -15.27 -6.96 -8.96
CA ARG A 226 -14.32 -7.61 -9.86
C ARG A 226 -13.92 -6.68 -10.99
N GLY A 227 -12.91 -5.85 -10.72
CA GLY A 227 -12.44 -4.91 -11.72
C GLY A 227 -11.16 -4.24 -11.26
N LYS A 228 -10.57 -3.45 -12.15
CA LYS A 228 -9.33 -2.75 -11.83
C LYS A 228 -9.62 -1.55 -10.93
N ALA A 229 -8.68 -1.26 -10.04
CA ALA A 229 -8.82 -0.16 -9.10
C ALA A 229 -9.03 1.18 -9.79
N GLY A 230 -8.33 1.40 -10.89
CA GLY A 230 -8.45 2.66 -11.61
C GLY A 230 -9.88 2.95 -12.04
N GLU A 231 -10.45 2.03 -12.81
CA GLU A 231 -11.82 2.19 -13.31
C GLU A 231 -12.86 2.23 -12.20
N VAL A 232 -12.76 1.27 -11.27
CA VAL A 232 -13.71 1.17 -10.18
C VAL A 232 -13.67 2.37 -9.22
N MET A 233 -12.48 2.74 -8.76
CA MET A 233 -12.36 3.87 -7.84
C MET A 233 -12.72 5.20 -8.51
N ASP A 234 -12.33 5.38 -9.77
CA ASP A 234 -12.65 6.61 -10.46
C ASP A 234 -14.17 6.81 -10.48
N GLU A 235 -14.89 5.77 -10.89
CA GLU A 235 -16.34 5.84 -10.96
C GLU A 235 -16.96 6.00 -9.58
N LEU A 236 -16.44 5.24 -8.62
CA LEU A 236 -16.94 5.28 -7.26
C LEU A 236 -16.81 6.69 -6.67
N VAL A 237 -15.62 7.26 -6.76
CA VAL A 237 -15.40 8.60 -6.20
C VAL A 237 -16.22 9.65 -6.93
N ARG A 238 -16.37 9.50 -8.24
CA ARG A 238 -17.16 10.47 -9.00
C ARG A 238 -18.62 10.45 -8.53
N HIS A 239 -19.17 9.25 -8.33
CA HIS A 239 -20.55 9.12 -7.88
C HIS A 239 -20.69 9.65 -6.45
N VAL A 240 -19.68 9.42 -5.61
CA VAL A 240 -19.72 9.89 -4.23
C VAL A 240 -19.68 11.42 -4.20
N ARG A 241 -18.84 12.00 -5.07
CA ARG A 241 -18.74 13.45 -5.11
C ARG A 241 -20.07 14.05 -5.58
N LYS A 242 -20.71 13.39 -6.53
CA LYS A 242 -22.00 13.85 -7.04
C LYS A 242 -23.03 13.80 -5.93
N ALA A 243 -23.09 12.66 -5.23
CA ALA A 243 -24.05 12.47 -4.15
C ALA A 243 -23.92 13.55 -3.07
N LEU A 244 -22.69 13.84 -2.66
CA LEU A 244 -22.45 14.85 -1.64
C LEU A 244 -22.88 16.24 -2.10
N SER A 245 -22.62 16.55 -3.36
CA SER A 245 -22.96 17.85 -3.92
C SER A 245 -24.47 18.08 -4.01
N LEU A 246 -25.23 16.98 -4.02
CA LEU A 246 -26.69 17.04 -4.11
C LEU A 246 -27.37 17.34 -2.78
N LYS A 247 -26.61 17.28 -1.70
CA LYS A 247 -27.18 17.52 -0.37
C LYS A 247 -27.59 18.97 -0.11
N LEU A 248 -28.83 19.15 0.31
CA LEU A 248 -29.34 20.48 0.62
C LEU A 248 -28.61 20.93 1.89
N ASN A 249 -27.88 22.03 1.81
CA ASN A 249 -27.13 22.53 2.95
C ASN A 249 -27.06 24.06 2.95
ZN ZN B . 25.16 3.89 10.65
N1 APR C . -6.56 -3.13 -9.71
C2 APR C . -6.81 -3.72 -8.47
N3 APR C . -6.17 -4.91 -8.13
C4 APR C . -5.29 -5.50 -9.03
C5 APR C . -5.03 -4.92 -10.26
C6 APR C . -5.67 -3.70 -10.64
N6 APR C . -5.45 -3.10 -11.83
N7 APR C . -4.16 -5.68 -10.91
C8 APR C . -3.87 -6.72 -10.08
N9 APR C . -4.56 -6.68 -8.83
C1' APR C . -4.60 -7.48 -7.66
C2' APR C . -4.33 -8.87 -7.90
O2' APR C . -5.33 -9.59 -8.38
C3' APR C . -3.80 -9.30 -6.64
O3' APR C . -4.73 -9.88 -5.86
O4' APR C . -3.61 -7.10 -6.84
C4' APR C . -3.34 -8.12 -5.98
C5' APR C . -1.92 -8.06 -5.65
O5' APR C . -1.58 -9.05 -4.80
PA APR C . 0.00 -9.06 -4.35
O1A APR C . 0.96 -9.12 -5.62
O2A APR C . 0.24 -10.30 -3.40
O3A APR C . 0.33 -7.66 -3.61
PB APR C . 0.07 -7.41 -2.02
O1B APR C . -1.27 -8.04 -1.49
O2B APR C . 0.09 -5.85 -1.81
O5D APR C . 1.37 -8.08 -1.30
C5D APR C . 1.45 -8.00 0.02
O4D APR C . 3.57 -9.03 -0.08
O1D APR C . 5.69 -9.63 -0.51
C1D APR C . 4.61 -8.70 -0.76
O2D APR C . 5.62 -7.10 1.02
C2D APR C . 5.01 -7.40 -0.10
O3D APR C . 3.47 -5.68 0.36
C3D APR C . 3.65 -6.90 -0.16
C4D APR C . 2.88 -7.98 0.37
#